data_5A1J
#
_entry.id   5A1J
#
_cell.length_a   60.420
_cell.length_b   66.890
_cell.length_c   67.300
_cell.angle_alpha   90.00
_cell.angle_beta   90.00
_cell.angle_gamma   90.00
#
_symmetry.space_group_name_H-M   'P 21 21 21'
#
loop_
_entity.id
_entity.type
_entity.pdbx_description
1 polymer 'ENTEROCHELIN UPTAKE PERIPLASMIC BINDING PROTEIN'
2 non-polymer 'FE (III) ION'
3 non-polymer "N,N'-butane-1,4-diylbis(2,3-dihydroxybenzamide)"
4 water water
#
_entity_poly.entity_id   1
_entity_poly.type   'polypeptide(L)'
_entity_poly.pdbx_seq_one_letter_code
;MLPISMSDEGDSFLVKDSLGENKIPKNPSKVVILDLGILDTFDALKLNDKVVGVPAKNLPKYLQQFKNKPSVGGVQQVDF
EAINALKPDLIIISGRQSKFYDKLKEIAPTLFVGLDNANFLSSFENNVLSVAKLYGLEKEALEKISDIKNEIEKAKSIVD
EDKKALIILTNSNKISAFGPQSRFGIIHDVLGINAVDENIKVGTHGKSINSEFILEKNPDYIFVVDRNVILGNKERAQGI
LDNALVAKTKAAQNKKIIYLDPEYWYLASGNGLESLKTMILEIKNAVK
;
_entity_poly.pdbx_strand_id   A
#
loop_
_chem_comp.id
_chem_comp.type
_chem_comp.name
_chem_comp.formula
FE non-polymer 'FE (III) ION' 'Fe 3'
LCM non-polymer N,N'-butane-1,4-diylbis(2,3-dihydroxybenzamide) 'C18 H20 N2 O6'
#
# COMPACT_ATOMS: atom_id res chain seq x y z
N MET A 1 -13.00 -10.20 0.60
CA MET A 1 -12.26 -10.41 1.87
C MET A 1 -13.12 -10.09 3.09
N LEU A 2 -13.09 -10.94 4.10
CA LEU A 2 -13.78 -10.63 5.34
C LEU A 2 -13.20 -9.35 5.96
N PRO A 3 -14.08 -8.44 6.38
CA PRO A 3 -13.67 -7.25 7.08
C PRO A 3 -13.26 -7.59 8.50
N ILE A 4 -12.75 -6.60 9.22
CA ILE A 4 -12.47 -6.80 10.62
C ILE A 4 -13.75 -6.45 11.41
N SER A 5 -14.10 -7.23 12.42
CA SER A 5 -15.31 -6.92 13.21
C SER A 5 -14.82 -6.83 14.69
N MET A 6 -15.35 -5.88 15.46
CA MET A 6 -14.84 -5.70 16.83
C MET A 6 -15.99 -5.62 17.83
N SER A 7 -15.79 -6.14 19.07
CA SER A 7 -16.80 -6.04 20.06
C SER A 7 -16.10 -5.49 21.24
N ASP A 8 -16.66 -4.39 21.78
CA ASP A 8 -16.11 -3.65 22.93
C ASP A 8 -16.41 -4.48 24.18
N GLU A 9 -15.36 -4.83 24.90
CA GLU A 9 -15.36 -5.64 26.10
C GLU A 9 -14.73 -4.90 27.29
N GLY A 10 -14.80 -3.57 27.26
CA GLY A 10 -14.51 -2.78 28.44
C GLY A 10 -13.03 -2.42 28.50
N ASP A 11 -12.18 -3.37 28.87
CA ASP A 11 -10.71 -3.17 28.91
C ASP A 11 -10.01 -3.57 27.58
N SER A 12 -10.81 -4.09 26.67
CA SER A 12 -10.29 -4.62 25.42
C SER A 12 -11.41 -4.71 24.40
N PHE A 13 -10.99 -5.19 23.24
CA PHE A 13 -11.87 -5.56 22.20
C PHE A 13 -11.76 -7.06 21.84
N LEU A 14 -12.88 -7.69 21.46
CA LEU A 14 -12.82 -8.97 20.87
C LEU A 14 -12.88 -8.71 19.36
N VAL A 15 -11.88 -9.18 18.64
CA VAL A 15 -11.67 -8.72 17.25
C VAL A 15 -11.56 -9.92 16.28
N LYS A 16 -12.40 -9.92 15.25
CA LYS A 16 -12.36 -10.93 14.17
C LYS A 16 -11.90 -10.36 12.86
N ASP A 17 -10.94 -11.04 12.22
CA ASP A 17 -10.40 -10.66 10.90
C ASP A 17 -10.37 -11.93 10.00
N SER A 18 -9.79 -11.81 8.80
CA SER A 18 -9.86 -12.81 7.75
C SER A 18 -9.18 -14.12 8.15
N LEU A 19 -8.19 -14.01 9.04
CA LEU A 19 -7.33 -15.09 9.48
C LEU A 19 -7.71 -15.62 10.87
N GLY A 20 -8.17 -14.72 11.77
CA GLY A 20 -8.43 -15.24 13.11
C GLY A 20 -9.30 -14.40 13.97
N GLU A 21 -9.41 -14.82 15.22
CA GLU A 21 -10.11 -14.04 16.20
C GLU A 21 -9.04 -13.73 17.26
N ASN A 22 -8.85 -12.46 17.64
CA ASN A 22 -8.02 -12.14 18.84
C ASN A 22 -8.77 -11.33 19.86
N LYS A 23 -8.43 -11.55 21.14
CA LYS A 23 -8.62 -10.51 22.14
C LYS A 23 -7.50 -9.48 22.08
N ILE A 24 -7.83 -8.18 21.95
CA ILE A 24 -6.88 -7.04 21.95
C ILE A 24 -7.06 -5.96 23.03
N PRO A 25 -6.09 -5.83 23.94
CA PRO A 25 -6.33 -4.80 24.95
C PRO A 25 -6.51 -3.35 24.42
N LYS A 26 -7.33 -2.56 25.09
CA LYS A 26 -7.54 -1.19 24.61
C LYS A 26 -6.18 -0.45 24.71
N ASN A 27 -5.99 0.56 23.87
CA ASN A 27 -4.83 1.43 23.95
C ASN A 27 -3.48 0.68 24.05
N PRO A 28 -3.26 -0.27 23.13
CA PRO A 28 -1.99 -1.00 23.21
C PRO A 28 -0.75 -0.08 23.14
N SER A 29 0.17 -0.23 24.09
CA SER A 29 1.27 0.73 24.28
C SER A 29 2.60 0.39 23.59
N LYS A 30 2.78 -0.88 23.23
CA LYS A 30 3.96 -1.35 22.46
C LYS A 30 3.58 -2.14 21.15
N VAL A 31 3.31 -1.41 20.08
CA VAL A 31 2.85 -2.09 18.88
C VAL A 31 4.01 -2.28 17.92
N VAL A 32 4.23 -3.54 17.56
CA VAL A 32 4.98 -3.87 16.35
C VAL A 32 4.12 -3.83 15.07
N ILE A 33 4.54 -2.98 14.13
CA ILE A 33 3.75 -2.75 12.93
C ILE A 33 4.60 -3.31 11.76
N LEU A 34 4.13 -4.34 11.03
CA LEU A 34 4.85 -4.95 9.87
C LEU A 34 4.15 -4.64 8.52
N ASP A 35 3.15 -3.79 8.59
CA ASP A 35 2.62 -3.06 7.43
C ASP A 35 3.00 -1.54 7.46
N LEU A 36 3.79 -1.09 6.47
CA LEU A 36 4.29 0.30 6.46
C LEU A 36 3.16 1.29 6.28
N GLY A 37 2.03 0.86 5.71
CA GLY A 37 0.94 1.81 5.58
C GLY A 37 0.34 2.12 6.95
N ILE A 38 0.27 1.09 7.80
CA ILE A 38 -0.34 1.21 9.13
C ILE A 38 0.59 2.08 9.99
N LEU A 39 1.89 2.08 9.65
CA LEU A 39 2.91 2.81 10.41
C LEU A 39 2.76 4.32 10.16
N ASP A 40 2.37 4.71 8.96
CA ASP A 40 2.07 6.11 8.75
C ASP A 40 0.70 6.46 9.39
N THR A 41 -0.25 5.50 9.49
CA THR A 41 -1.48 5.78 10.25
C THR A 41 -1.25 6.08 11.67
N PHE A 42 -0.44 5.26 12.30
CA PHE A 42 0.01 5.67 13.65
C PHE A 42 0.62 7.08 13.73
N ASP A 43 1.52 7.45 12.82
CA ASP A 43 2.01 8.82 12.76
C ASP A 43 0.85 9.83 12.65
N ALA A 44 -0.11 9.54 11.77
CA ALA A 44 -1.18 10.51 11.43
C ALA A 44 -2.04 10.79 12.65
N LEU A 45 -2.24 9.74 13.43
CA LEU A 45 -3.03 9.80 14.62
C LEU A 45 -2.22 10.28 15.82
N LYS A 46 -0.97 10.67 15.63
CA LYS A 46 -0.14 11.10 16.76
C LYS A 46 -0.02 9.95 17.78
N LEU A 47 0.31 8.78 17.28
CA LEU A 47 0.50 7.55 18.09
C LEU A 47 1.92 7.07 17.97
N ASN A 48 2.78 8.00 17.57
CA ASN A 48 4.20 7.63 17.36
C ASN A 48 4.73 6.88 18.59
N ASP A 49 4.47 7.39 19.80
CA ASP A 49 4.95 6.75 21.04
C ASP A 49 4.53 5.31 21.21
N LYS A 50 3.39 4.88 20.64
CA LYS A 50 2.92 3.53 20.97
C LYS A 50 3.65 2.49 20.16
N VAL A 51 4.39 2.91 19.15
CA VAL A 51 5.17 1.96 18.43
C VAL A 51 6.51 1.69 19.08
N VAL A 52 6.76 0.41 19.32
CA VAL A 52 8.03 -0.05 19.76
C VAL A 52 8.94 -0.67 18.70
N GLY A 53 8.41 -1.11 17.56
CA GLY A 53 9.23 -1.79 16.52
C GLY A 53 8.79 -1.55 15.09
N VAL A 54 9.74 -1.21 14.23
CA VAL A 54 9.46 -0.99 12.81
C VAL A 54 10.38 -1.88 11.94
N PRO A 55 9.91 -2.32 10.74
CA PRO A 55 10.82 -2.85 9.69
C PRO A 55 11.80 -1.84 9.09
N ALA A 56 12.98 -1.70 9.73
CA ALA A 56 13.96 -0.71 9.29
C ALA A 56 14.65 -1.04 7.94
N LYS A 57 14.81 -2.31 7.60
CA LYS A 57 15.32 -2.71 6.26
C LYS A 57 14.59 -2.00 5.12
N ASN A 58 13.29 -1.91 5.31
CA ASN A 58 12.36 -1.32 4.41
C ASN A 58 11.71 -0.11 5.09
N LEU A 59 12.48 0.87 5.58
CA LEU A 59 11.84 2.10 6.10
C LEU A 59 11.92 3.22 5.06
N PRO A 60 10.76 3.58 4.47
CA PRO A 60 10.87 4.55 3.40
C PRO A 60 11.38 5.90 3.87
N LYS A 61 12.06 6.59 2.97
CA LYS A 61 12.46 7.96 3.17
C LYS A 61 11.26 8.75 3.77
N TYR A 62 10.02 8.42 3.39
CA TYR A 62 8.81 9.11 3.95
C TYR A 62 8.34 8.84 5.42
N LEU A 63 9.08 7.99 6.12
CA LEU A 63 8.77 7.62 7.45
C LEU A 63 10.07 7.79 8.24
N GLN A 64 10.91 8.76 7.89
CA GLN A 64 12.25 8.83 8.52
C GLN A 64 12.20 9.56 9.88
N GLN A 65 10.97 9.74 10.36
CA GLN A 65 10.71 10.03 11.76
C GLN A 65 10.63 8.75 12.58
N PHE A 66 10.65 7.60 11.91
CA PHE A 66 10.61 6.31 12.64
C PHE A 66 11.98 5.70 12.73
N LYS A 67 12.96 6.55 12.36
CA LYS A 67 14.33 6.24 12.15
C LYS A 67 15.11 5.82 13.42
N ASN A 68 14.59 6.20 14.59
CA ASN A 68 15.20 5.81 15.84
C ASN A 68 14.56 4.60 16.47
N LYS A 69 13.56 4.01 15.82
CA LYS A 69 12.91 2.90 16.43
C LYS A 69 13.67 1.61 16.22
N PRO A 70 13.55 0.68 17.17
CA PRO A 70 14.17 -0.60 16.90
C PRO A 70 13.68 -1.21 15.65
N SER A 71 14.52 -2.06 15.12
CA SER A 71 14.11 -2.80 13.86
C SER A 71 13.67 -4.22 14.14
N VAL A 72 12.65 -4.71 13.40
CA VAL A 72 12.16 -6.13 13.50
C VAL A 72 12.48 -6.86 12.16
N GLY A 73 13.22 -6.14 11.29
CA GLY A 73 13.70 -6.65 10.00
C GLY A 73 13.16 -5.94 8.78
N GLY A 74 12.64 -6.76 7.88
CA GLY A 74 11.97 -6.35 6.63
C GLY A 74 10.67 -7.17 6.53
N VAL A 75 9.93 -7.11 5.42
CA VAL A 75 8.56 -7.62 5.35
C VAL A 75 8.34 -9.13 4.93
N GLN A 76 9.32 -9.75 4.29
CA GLN A 76 9.37 -11.24 4.24
C GLN A 76 10.74 -11.72 4.72
N GLN A 77 11.47 -10.86 5.43
CA GLN A 77 12.60 -11.25 6.26
C GLN A 77 12.35 -10.63 7.64
N VAL A 78 11.22 -11.03 8.18
CA VAL A 78 10.85 -10.69 9.56
C VAL A 78 11.65 -11.44 10.60
N ASP A 79 12.23 -10.68 11.54
CA ASP A 79 13.13 -11.24 12.55
C ASP A 79 12.40 -11.48 13.85
N PHE A 80 12.04 -12.72 14.15
CA PHE A 80 11.23 -12.99 15.33
C PHE A 80 11.91 -12.62 16.66
N GLU A 81 13.20 -12.90 16.78
CA GLU A 81 13.98 -12.52 17.96
C GLU A 81 13.96 -11.03 18.26
N ALA A 82 13.96 -10.19 17.22
CA ALA A 82 13.80 -8.75 17.40
C ALA A 82 12.43 -8.53 18.05
N ILE A 83 11.39 -9.03 17.43
CA ILE A 83 10.04 -8.91 17.92
C ILE A 83 9.87 -9.41 19.36
N ASN A 84 10.45 -10.57 19.69
CA ASN A 84 10.25 -11.17 21.01
C ASN A 84 10.91 -10.24 22.01
N ALA A 85 12.07 -9.64 21.66
CA ALA A 85 12.83 -8.78 22.64
C ALA A 85 12.18 -7.43 22.96
N LEU A 86 11.33 -6.96 22.07
CA LEU A 86 10.57 -5.74 22.31
C LEU A 86 9.24 -5.96 23.11
N LYS A 87 8.83 -7.24 23.30
CA LYS A 87 7.63 -7.57 24.06
CA LYS A 87 7.61 -7.64 24.02
C LYS A 87 6.36 -6.75 23.74
N PRO A 88 5.92 -6.76 22.46
CA PRO A 88 4.68 -6.02 22.07
C PRO A 88 3.33 -6.47 22.72
N ASP A 89 2.43 -5.53 23.03
CA ASP A 89 1.01 -5.90 23.28
C ASP A 89 0.18 -6.17 21.95
N LEU A 90 0.72 -5.85 20.77
CA LEU A 90 0.01 -6.07 19.51
C LEU A 90 1.00 -6.16 18.34
N ILE A 91 0.66 -6.97 17.35
CA ILE A 91 1.45 -7.21 16.13
C ILE A 91 0.47 -6.96 14.97
N ILE A 92 0.79 -5.98 14.13
CA ILE A 92 -0.14 -5.74 12.97
C ILE A 92 0.53 -6.13 11.66
N ILE A 93 -0.08 -7.08 10.93
CA ILE A 93 0.39 -7.55 9.62
C ILE A 93 -0.61 -7.49 8.50
N SER A 94 -0.08 -7.73 7.29
CA SER A 94 -0.89 -7.79 6.08
C SER A 94 -0.38 -8.93 5.21
N GLY A 95 -0.63 -8.84 3.93
CA GLY A 95 -0.56 -9.99 3.09
C GLY A 95 0.75 -10.70 2.98
N ARG A 96 1.83 -9.92 3.16
CA ARG A 96 3.17 -10.45 2.98
C ARG A 96 3.61 -11.34 4.14
N GLN A 97 2.83 -11.34 5.23
CA GLN A 97 3.18 -12.17 6.42
C GLN A 97 2.16 -13.20 6.77
N SER A 98 1.07 -13.24 6.05
CA SER A 98 -0.03 -14.16 6.27
C SER A 98 0.42 -15.59 6.46
N LYS A 99 1.48 -15.96 5.74
CA LYS A 99 2.07 -17.28 5.85
C LYS A 99 2.67 -17.57 7.26
N PHE A 100 3.10 -16.55 8.02
CA PHE A 100 3.66 -16.67 9.43
C PHE A 100 2.65 -16.33 10.56
N TYR A 101 1.37 -16.65 10.37
CA TYR A 101 0.29 -16.13 11.23
C TYR A 101 0.22 -16.81 12.62
N ASP A 102 0.51 -18.09 12.66
CA ASP A 102 0.46 -18.83 13.90
C ASP A 102 1.60 -18.40 14.80
N LYS A 103 2.77 -18.34 14.20
CA LYS A 103 3.96 -17.92 14.90
C LYS A 103 3.85 -16.50 15.47
N LEU A 104 3.27 -15.55 14.77
CA LEU A 104 3.37 -14.16 15.33
C LEU A 104 2.47 -14.04 16.53
N LYS A 105 1.37 -14.78 16.46
CA LYS A 105 0.37 -14.76 17.50
C LYS A 105 0.96 -15.34 18.78
N GLU A 106 1.95 -16.23 18.64
CA GLU A 106 2.68 -16.81 19.77
C GLU A 106 3.24 -15.72 20.65
N ILE A 107 3.77 -14.70 20.00
CA ILE A 107 4.45 -13.61 20.74
C ILE A 107 3.43 -12.60 21.29
N ALA A 108 2.44 -12.19 20.45
CA ALA A 108 1.42 -11.21 20.86
C ALA A 108 0.15 -11.30 19.99
N PRO A 109 -0.98 -10.79 20.49
CA PRO A 109 -2.11 -10.87 19.59
C PRO A 109 -1.82 -10.17 18.23
N THR A 110 -2.29 -10.81 17.14
CA THR A 110 -1.90 -10.49 15.74
C THR A 110 -3.08 -10.09 14.78
N LEU A 111 -3.11 -8.83 14.37
CA LEU A 111 -4.27 -8.24 13.71
C LEU A 111 -3.94 -8.19 12.18
N PHE A 112 -4.85 -8.69 11.32
CA PHE A 112 -4.66 -8.72 9.83
C PHE A 112 -5.44 -7.58 9.20
N VAL A 113 -4.70 -6.75 8.44
CA VAL A 113 -5.18 -5.55 7.82
C VAL A 113 -4.74 -5.55 6.38
N GLY A 114 -4.80 -6.70 5.74
CA GLY A 114 -4.66 -6.74 4.29
C GLY A 114 -5.63 -5.77 3.64
N LEU A 115 -5.25 -5.26 2.48
CA LEU A 115 -6.16 -4.56 1.60
C LEU A 115 -6.75 -5.51 0.61
N ASP A 116 -8.05 -5.36 0.34
CA ASP A 116 -8.80 -6.10 -0.69
C ASP A 116 -8.69 -5.40 -2.03
N ASN A 117 -8.00 -6.09 -2.91
CA ASN A 117 -7.87 -5.61 -4.29
C ASN A 117 -9.21 -5.29 -4.99
N ALA A 118 -10.23 -6.03 -4.59
CA ALA A 118 -11.52 -5.87 -5.21
C ALA A 118 -12.39 -4.78 -4.52
N ASN A 119 -12.02 -4.39 -3.31
CA ASN A 119 -12.86 -3.46 -2.54
C ASN A 119 -11.90 -2.52 -1.73
N PHE A 120 -11.06 -1.77 -2.45
CA PHE A 120 -9.87 -1.11 -1.84
C PHE A 120 -10.40 -0.08 -0.80
N LEU A 121 -11.33 0.78 -1.20
CA LEU A 121 -11.78 1.90 -0.29
C LEU A 121 -12.51 1.34 0.97
N SER A 122 -13.44 0.42 0.74
CA SER A 122 -14.10 -0.30 1.89
C SER A 122 -13.04 -0.80 2.91
N SER A 123 -11.95 -1.44 2.41
CA SER A 123 -11.01 -2.18 3.29
C SER A 123 -10.10 -1.17 3.93
N PHE A 124 -9.72 -0.14 3.17
CA PHE A 124 -8.78 0.88 3.70
C PHE A 124 -9.44 1.53 4.93
N GLU A 125 -10.68 1.94 4.76
CA GLU A 125 -11.44 2.60 5.83
C GLU A 125 -11.57 1.68 7.07
N ASN A 126 -12.00 0.49 6.75
CA ASN A 126 -12.06 -0.63 7.71
C ASN A 126 -10.77 -0.73 8.54
N ASN A 127 -9.63 -0.80 7.84
CA ASN A 127 -8.36 -0.98 8.51
C ASN A 127 -8.06 0.23 9.37
N VAL A 128 -8.24 1.39 8.78
CA VAL A 128 -7.92 2.61 9.53
C VAL A 128 -8.88 2.80 10.70
N LEU A 129 -10.18 2.68 10.48
CA LEU A 129 -11.12 2.90 11.58
C LEU A 129 -10.93 1.83 12.74
N SER A 130 -10.58 0.59 12.39
CA SER A 130 -10.46 -0.52 13.32
C SER A 130 -9.26 -0.23 14.24
N VAL A 131 -8.24 0.41 13.64
CA VAL A 131 -7.03 0.67 14.35
C VAL A 131 -7.36 1.86 15.24
N ALA A 132 -8.04 2.86 14.70
CA ALA A 132 -8.34 4.09 15.49
C ALA A 132 -9.22 3.74 16.72
N LYS A 133 -10.22 2.90 16.52
CA LYS A 133 -11.05 2.33 17.62
C LYS A 133 -10.24 1.88 18.84
N LEU A 134 -9.12 1.23 18.63
CA LEU A 134 -8.39 0.57 19.69
C LEU A 134 -7.94 1.74 20.60
N TYR A 135 -7.69 2.88 20.01
CA TYR A 135 -7.26 4.15 20.73
C TYR A 135 -8.27 5.22 21.03
N GLY A 136 -9.53 4.95 20.76
CA GLY A 136 -10.60 5.94 20.88
C GLY A 136 -10.50 7.08 19.87
N LEU A 137 -9.79 6.88 18.75
CA LEU A 137 -9.55 7.99 17.80
C LEU A 137 -10.44 8.01 16.48
N GLU A 138 -11.61 7.36 16.45
CA GLU A 138 -12.45 7.41 15.23
C GLU A 138 -12.69 8.84 14.72
N LYS A 139 -12.92 9.79 15.65
CA LYS A 139 -13.27 11.15 15.21
C LYS A 139 -12.19 11.60 14.21
N GLU A 140 -10.94 11.43 14.65
CA GLU A 140 -9.81 11.97 13.95
C GLU A 140 -9.63 11.25 12.63
N ALA A 141 -9.73 9.93 12.68
CA ALA A 141 -9.54 9.07 11.54
C ALA A 141 -10.56 9.50 10.52
N LEU A 142 -11.83 9.64 10.92
CA LEU A 142 -12.92 9.98 10.03
C LEU A 142 -12.65 11.27 9.28
N GLU A 143 -12.11 12.30 9.99
CA GLU A 143 -11.77 13.62 9.37
C GLU A 143 -10.65 13.40 8.31
N LYS A 144 -9.76 12.48 8.61
CA LYS A 144 -8.66 12.20 7.71
C LYS A 144 -9.21 11.46 6.50
N ILE A 145 -10.09 10.51 6.72
CA ILE A 145 -10.72 9.87 5.57
C ILE A 145 -11.52 10.81 4.68
N SER A 146 -12.30 11.70 5.29
CA SER A 146 -13.09 12.68 4.57
C SER A 146 -12.23 13.50 3.65
N ASP A 147 -11.04 13.88 4.13
CA ASP A 147 -10.15 14.70 3.30
C ASP A 147 -9.59 13.85 2.17
N ILE A 148 -9.36 12.57 2.41
CA ILE A 148 -8.99 11.60 1.33
C ILE A 148 -10.12 11.48 0.29
N LYS A 149 -11.35 11.19 0.69
CA LYS A 149 -12.49 11.15 -0.27
C LYS A 149 -12.62 12.48 -1.07
N ASN A 150 -12.57 13.68 -0.44
CA ASN A 150 -12.67 14.90 -1.27
CA ASN A 150 -12.59 14.94 -1.20
C ASN A 150 -11.57 14.96 -2.35
N GLU A 151 -10.31 14.66 -2.01
CA GLU A 151 -9.21 14.60 -2.97
C GLU A 151 -9.49 13.62 -4.12
N ILE A 152 -10.00 12.43 -3.81
CA ILE A 152 -10.43 11.44 -4.83
C ILE A 152 -11.49 12.01 -5.77
N GLU A 153 -12.52 12.64 -5.23
CA GLU A 153 -13.47 13.36 -6.06
CA GLU A 153 -13.50 13.40 -6.03
C GLU A 153 -12.81 14.51 -6.86
N LYS A 154 -11.98 15.35 -6.22
CA LYS A 154 -11.25 16.46 -6.89
C LYS A 154 -10.48 15.91 -8.09
N ALA A 155 -9.66 14.89 -7.82
CA ALA A 155 -8.83 14.18 -8.83
C ALA A 155 -9.67 13.53 -9.94
N LYS A 156 -10.72 12.78 -9.58
CA LYS A 156 -11.67 12.19 -10.56
C LYS A 156 -12.23 13.20 -11.61
N SER A 157 -12.57 14.41 -11.14
CA SER A 157 -13.23 15.44 -11.98
C SER A 157 -12.35 15.97 -13.09
N ILE A 158 -11.03 15.82 -12.91
CA ILE A 158 -10.00 16.30 -13.85
C ILE A 158 -9.47 15.20 -14.78
N VAL A 159 -9.85 13.94 -14.58
CA VAL A 159 -9.44 12.81 -15.45
C VAL A 159 -10.03 13.00 -16.87
N ASP A 160 -9.20 12.87 -17.88
CA ASP A 160 -9.66 12.90 -19.28
C ASP A 160 -10.25 11.52 -19.66
N GLU A 161 -11.56 11.48 -19.81
CA GLU A 161 -12.28 10.22 -20.19
C GLU A 161 -11.69 9.60 -21.45
N ASP A 162 -11.15 10.43 -22.35
CA ASP A 162 -10.57 9.93 -23.61
C ASP A 162 -9.11 9.36 -23.55
N LYS A 163 -8.51 9.26 -22.37
CA LYS A 163 -7.17 8.69 -22.24
C LYS A 163 -7.17 7.36 -21.45
N LYS A 164 -6.29 6.42 -21.82
CA LYS A 164 -6.21 5.18 -21.09
C LYS A 164 -4.77 4.99 -20.61
N ALA A 165 -4.61 4.22 -19.51
CA ALA A 165 -3.31 4.06 -18.82
C ALA A 165 -2.90 2.58 -18.75
N LEU A 166 -1.57 2.37 -18.77
CA LEU A 166 -0.98 1.11 -18.46
C LEU A 166 -0.17 1.14 -17.21
N ILE A 167 -0.42 0.19 -16.28
CA ILE A 167 0.40 0.04 -15.02
C ILE A 167 1.43 -1.03 -15.27
N ILE A 168 2.71 -0.76 -15.08
CA ILE A 168 3.77 -1.76 -15.14
C ILE A 168 4.79 -1.70 -13.99
N LEU A 169 5.35 -2.85 -13.64
CA LEU A 169 6.40 -2.98 -12.64
C LEU A 169 7.63 -3.39 -13.30
N THR A 170 8.78 -2.91 -12.82
CA THR A 170 10.02 -3.38 -13.37
C THR A 170 10.90 -4.02 -12.31
N ASN A 171 11.52 -5.15 -12.73
CA ASN A 171 12.35 -5.95 -11.91
C ASN A 171 13.41 -6.70 -12.72
N SER A 172 14.70 -6.64 -12.36
CA SER A 172 15.74 -7.14 -13.28
C SER A 172 15.61 -6.25 -14.49
N ASN A 173 15.63 -6.80 -15.69
CA ASN A 173 15.15 -6.02 -16.78
C ASN A 173 13.85 -6.61 -17.32
N LYS A 174 13.06 -7.21 -16.42
CA LYS A 174 11.76 -7.81 -16.72
C LYS A 174 10.57 -6.85 -16.38
N ILE A 175 9.63 -6.73 -17.32
CA ILE A 175 8.42 -5.92 -17.16
C ILE A 175 7.20 -6.72 -16.93
N SER A 176 6.34 -6.26 -16.07
CA SER A 176 5.10 -7.00 -15.85
C SER A 176 3.97 -6.09 -15.58
N ALA A 177 2.80 -6.50 -16.06
CA ALA A 177 1.68 -5.63 -16.02
C ALA A 177 0.62 -5.98 -15.02
N PHE A 178 -0.03 -4.88 -14.57
CA PHE A 178 -1.23 -4.82 -13.72
C PHE A 178 -2.33 -3.95 -14.27
N GLY A 179 -3.56 -4.37 -14.01
CA GLY A 179 -4.71 -3.61 -14.37
C GLY A 179 -5.70 -3.35 -13.24
N PRO A 180 -6.95 -3.14 -13.62
CA PRO A 180 -7.94 -3.18 -12.50
C PRO A 180 -7.99 -4.36 -11.52
N GLN A 181 -8.39 -4.05 -10.29
CA GLN A 181 -8.45 -4.98 -9.18
C GLN A 181 -7.12 -5.65 -8.81
N SER A 182 -6.01 -4.99 -9.13
CA SER A 182 -4.73 -5.51 -8.74
C SER A 182 -4.28 -4.69 -7.58
N ARG A 183 -3.01 -4.88 -7.19
CA ARG A 183 -2.44 -4.18 -6.03
C ARG A 183 -2.19 -2.66 -6.25
N PHE A 184 -2.21 -2.19 -7.51
CA PHE A 184 -2.13 -0.75 -7.91
C PHE A 184 -3.49 -0.30 -8.46
N GLY A 185 -4.53 -1.15 -8.23
CA GLY A 185 -5.89 -0.99 -8.84
C GLY A 185 -6.50 0.38 -8.59
N ILE A 186 -6.13 1.02 -7.48
CA ILE A 186 -6.70 2.37 -7.16
C ILE A 186 -6.59 3.42 -8.35
N ILE A 187 -5.56 3.36 -9.19
CA ILE A 187 -5.43 4.28 -10.35
C ILE A 187 -6.64 4.11 -11.31
N HIS A 188 -7.06 2.87 -11.56
CA HIS A 188 -8.24 2.60 -12.36
C HIS A 188 -9.59 2.63 -11.63
N ASP A 189 -9.57 2.10 -10.42
CA ASP A 189 -10.77 1.62 -9.76
C ASP A 189 -11.38 2.64 -8.84
N VAL A 190 -10.51 3.52 -8.36
CA VAL A 190 -10.88 4.46 -7.32
C VAL A 190 -10.78 5.84 -7.97
N LEU A 191 -9.66 6.10 -8.66
CA LEU A 191 -9.54 7.33 -9.46
C LEU A 191 -10.14 7.34 -10.85
N GLY A 192 -10.56 6.19 -11.37
CA GLY A 192 -11.43 6.15 -12.57
C GLY A 192 -10.62 6.25 -13.83
N ILE A 193 -9.29 6.32 -13.75
CA ILE A 193 -8.51 6.33 -15.01
C ILE A 193 -8.68 5.03 -15.82
N ASN A 194 -9.03 5.21 -17.06
CA ASN A 194 -9.34 4.06 -17.90
C ASN A 194 -8.14 3.17 -18.18
N ALA A 195 -8.34 1.87 -18.05
CA ALA A 195 -7.30 0.94 -18.52
C ALA A 195 -7.24 0.65 -20.04
N VAL A 196 -6.02 0.70 -20.56
CA VAL A 196 -5.72 0.33 -21.94
CA VAL A 196 -5.74 0.35 -21.95
C VAL A 196 -6.03 -1.16 -22.18
N ASP A 197 -5.88 -1.96 -21.13
CA ASP A 197 -6.23 -3.35 -21.20
C ASP A 197 -6.99 -3.79 -19.94
N GLU A 198 -8.30 -3.99 -20.07
CA GLU A 198 -9.18 -4.38 -18.97
C GLU A 198 -9.09 -5.84 -18.64
N ASN A 199 -8.23 -6.56 -19.33
CA ASN A 199 -8.31 -8.01 -19.30
C ASN A 199 -6.97 -8.63 -18.94
N ILE A 200 -6.19 -7.89 -18.11
CA ILE A 200 -4.96 -8.39 -17.56
C ILE A 200 -5.23 -9.15 -16.28
N LYS A 201 -4.80 -10.40 -16.23
CA LYS A 201 -5.07 -11.33 -15.08
C LYS A 201 -4.36 -10.81 -13.82
N VAL A 202 -5.02 -10.83 -12.67
CA VAL A 202 -4.45 -10.16 -11.51
C VAL A 202 -3.50 -11.19 -10.88
N GLY A 203 -2.31 -10.73 -10.53
CA GLY A 203 -1.26 -11.53 -10.04
C GLY A 203 -0.47 -10.61 -9.13
N THR A 204 0.02 -11.18 -8.03
CA THR A 204 0.72 -10.43 -6.96
C THR A 204 1.91 -9.68 -7.52
N HIS A 205 2.66 -10.28 -8.45
CA HIS A 205 3.75 -9.57 -9.12
C HIS A 205 3.54 -9.31 -10.62
N GLY A 206 2.28 -9.44 -11.00
CA GLY A 206 1.95 -9.08 -12.32
C GLY A 206 2.25 -10.14 -13.33
N LYS A 207 1.91 -9.78 -14.55
CA LYS A 207 1.98 -10.77 -15.64
C LYS A 207 2.98 -10.27 -16.70
N SER A 208 3.87 -11.19 -17.04
CA SER A 208 5.01 -10.96 -17.94
C SER A 208 4.55 -10.27 -19.22
N ILE A 209 5.28 -9.24 -19.63
CA ILE A 209 5.04 -8.49 -20.86
C ILE A 209 6.33 -7.88 -21.45
N ASN A 210 6.23 -7.37 -22.69
CA ASN A 210 7.35 -6.91 -23.47
C ASN A 210 7.01 -5.55 -24.03
N SER A 211 8.02 -4.82 -24.46
CA SER A 211 7.83 -3.51 -25.09
C SER A 211 6.93 -3.57 -26.36
N GLU A 212 6.89 -4.70 -27.09
CA GLU A 212 5.93 -4.84 -28.26
C GLU A 212 4.51 -4.69 -27.72
N PHE A 213 4.21 -5.35 -26.57
CA PHE A 213 2.84 -5.30 -25.93
C PHE A 213 2.51 -3.85 -25.57
N ILE A 214 3.52 -3.15 -25.14
CA ILE A 214 3.29 -1.82 -24.72
C ILE A 214 2.95 -0.91 -25.97
N LEU A 215 3.72 -1.03 -27.07
CA LEU A 215 3.49 -0.25 -28.26
C LEU A 215 2.15 -0.64 -28.84
N GLU A 216 1.81 -1.95 -28.83
CA GLU A 216 0.55 -2.41 -29.42
C GLU A 216 -0.69 -1.79 -28.74
N LYS A 217 -0.63 -1.77 -27.42
CA LYS A 217 -1.66 -1.10 -26.57
C LYS A 217 -1.68 0.44 -26.73
N ASN A 218 -0.49 1.04 -26.94
CA ASN A 218 -0.28 2.48 -26.99
C ASN A 218 -1.07 3.40 -26.04
N PRO A 219 -0.90 3.13 -24.74
CA PRO A 219 -1.47 3.88 -23.71
C PRO A 219 -1.09 5.34 -23.77
N ASP A 220 -1.93 6.19 -23.18
CA ASP A 220 -1.71 7.61 -23.00
C ASP A 220 -0.89 7.91 -21.72
N TYR A 221 -0.98 7.05 -20.72
CA TYR A 221 -0.13 7.21 -19.54
C TYR A 221 0.53 5.85 -19.31
N ILE A 222 1.82 5.82 -19.00
CA ILE A 222 2.37 4.64 -18.36
C ILE A 222 2.78 4.94 -16.96
N PHE A 223 2.22 4.17 -16.03
CA PHE A 223 2.65 4.28 -14.65
C PHE A 223 3.59 3.08 -14.37
N VAL A 224 4.78 3.39 -13.80
CA VAL A 224 5.86 2.51 -13.62
C VAL A 224 6.19 2.49 -12.16
N VAL A 225 6.17 1.29 -11.58
CA VAL A 225 6.63 0.97 -10.19
C VAL A 225 7.94 0.20 -10.22
N ASP A 226 9.05 0.80 -9.73
CA ASP A 226 10.33 0.14 -9.85
C ASP A 226 10.64 -0.74 -8.68
N ARG A 227 10.46 -2.03 -8.85
CA ARG A 227 10.64 -2.99 -7.75
C ARG A 227 12.11 -3.13 -7.39
N ASN A 228 12.97 -2.68 -8.31
CA ASN A 228 14.43 -2.75 -8.15
C ASN A 228 14.93 -1.92 -6.94
N VAL A 229 14.23 -0.84 -6.63
CA VAL A 229 14.63 0.03 -5.50
C VAL A 229 14.45 -0.67 -4.14
N ILE A 230 13.29 -1.24 -3.93
CA ILE A 230 12.91 -1.94 -2.74
C ILE A 230 13.83 -3.13 -2.48
N LEU A 231 14.10 -3.89 -3.54
CA LEU A 231 14.75 -5.20 -3.48
C LEU A 231 16.25 -5.15 -3.59
N GLY A 232 16.83 -4.02 -3.94
CA GLY A 232 18.29 -3.86 -3.90
C GLY A 232 19.06 -4.40 -5.10
N ASN A 233 18.48 -4.29 -6.29
CA ASN A 233 19.18 -4.56 -7.55
C ASN A 233 19.80 -3.33 -8.20
N LYS A 234 20.82 -3.52 -9.07
CA LYS A 234 21.38 -2.42 -9.90
C LYS A 234 20.36 -1.80 -10.81
N GLU A 235 19.61 -2.68 -11.49
CA GLU A 235 18.69 -2.27 -12.57
C GLU A 235 17.70 -1.13 -12.23
N ARG A 236 17.46 -0.28 -13.22
CA ARG A 236 16.50 0.82 -13.09
C ARG A 236 15.54 0.83 -14.26
N ALA A 237 14.38 1.41 -14.02
CA ALA A 237 13.24 1.38 -14.94
C ALA A 237 13.46 2.35 -16.11
N GLN A 238 14.08 3.48 -15.78
CA GLN A 238 14.49 4.44 -16.76
C GLN A 238 15.23 3.73 -17.90
N GLY A 239 16.06 2.74 -17.55
CA GLY A 239 16.87 2.02 -18.52
C GLY A 239 16.10 1.10 -19.45
N ILE A 240 15.37 0.16 -18.88
CA ILE A 240 14.64 -0.75 -19.75
C ILE A 240 13.52 -0.07 -20.59
N LEU A 241 12.91 1.00 -20.10
CA LEU A 241 11.79 1.68 -20.80
C LEU A 241 12.15 2.58 -21.98
N ASP A 242 13.39 2.96 -22.07
CA ASP A 242 13.85 3.87 -23.09
C ASP A 242 14.35 3.14 -24.34
N ASN A 243 13.44 2.72 -25.21
CA ASN A 243 13.79 2.04 -26.42
C ASN A 243 12.85 2.57 -27.44
N ALA A 244 13.13 2.23 -28.70
CA ALA A 244 12.45 2.73 -29.91
C ALA A 244 11.01 2.27 -30.06
N LEU A 245 10.68 1.08 -29.54
CA LEU A 245 9.29 0.75 -29.44
C LEU A 245 8.58 1.67 -28.48
N VAL A 246 8.99 1.72 -27.22
CA VAL A 246 8.25 2.48 -26.23
C VAL A 246 8.12 3.95 -26.58
N ALA A 247 9.18 4.55 -27.10
CA ALA A 247 9.24 5.97 -27.39
C ALA A 247 8.20 6.45 -28.44
N LYS A 248 7.73 5.50 -29.26
CA LYS A 248 6.72 5.67 -30.32
C LYS A 248 5.29 5.84 -29.84
N THR A 249 5.06 5.67 -28.53
CA THR A 249 3.70 5.66 -27.95
C THR A 249 3.27 7.04 -27.48
N LYS A 250 1.96 7.28 -27.53
CA LYS A 250 1.41 8.50 -26.98
C LYS A 250 1.97 8.89 -25.60
N ALA A 251 2.09 7.93 -24.68
CA ALA A 251 2.69 8.20 -23.39
C ALA A 251 4.13 8.75 -23.45
N ALA A 252 5.01 8.09 -24.18
CA ALA A 252 6.41 8.55 -24.23
C ALA A 252 6.39 9.90 -24.97
N GLN A 253 5.70 9.94 -26.11
CA GLN A 253 5.59 11.19 -26.88
C GLN A 253 5.28 12.35 -25.94
N ASN A 254 4.15 12.26 -25.25
CA ASN A 254 3.61 13.36 -24.47
C ASN A 254 4.18 13.49 -23.04
N LYS A 255 5.40 13.03 -22.83
CA LYS A 255 6.10 12.93 -21.52
C LYS A 255 5.22 12.46 -20.34
N LYS A 256 4.40 11.42 -20.58
CA LYS A 256 3.58 10.78 -19.56
C LYS A 256 3.98 9.32 -19.24
N ILE A 257 5.28 9.01 -19.35
CA ILE A 257 5.86 7.91 -18.54
C ILE A 257 6.11 8.36 -17.11
N ILE A 258 5.40 7.74 -16.18
CA ILE A 258 5.42 8.24 -14.78
C ILE A 258 6.02 7.21 -13.83
N TYR A 259 7.13 7.59 -13.13
CA TYR A 259 7.80 6.72 -12.27
C TYR A 259 7.20 7.01 -10.90
N LEU A 260 6.22 6.18 -10.54
CA LEU A 260 5.57 6.28 -9.26
C LEU A 260 6.55 5.86 -8.14
N ASP A 261 6.42 6.49 -6.98
CA ASP A 261 7.30 6.11 -5.87
C ASP A 261 7.06 4.73 -5.25
N PRO A 262 7.99 3.76 -5.49
CA PRO A 262 7.77 2.38 -4.99
C PRO A 262 7.66 2.23 -3.53
N GLU A 263 8.31 3.09 -2.74
CA GLU A 263 8.17 2.92 -1.30
C GLU A 263 6.76 3.21 -0.85
N TYR A 264 6.00 3.92 -1.67
CA TYR A 264 4.59 4.12 -1.43
C TYR A 264 3.82 3.01 -2.17
N TRP A 265 4.02 2.85 -3.45
CA TRP A 265 3.08 1.99 -4.24
C TRP A 265 3.31 0.49 -4.04
N TYR A 266 4.59 0.08 -3.84
CA TYR A 266 4.98 -1.31 -3.66
C TYR A 266 5.11 -1.80 -2.21
N LEU A 267 5.80 -0.96 -1.43
CA LEU A 267 5.92 -1.22 -0.03
C LEU A 267 4.59 -0.92 0.69
N ALA A 268 4.26 0.37 0.88
CA ALA A 268 3.12 0.76 1.72
C ALA A 268 1.80 0.33 1.19
N SER A 269 1.71 0.20 -0.14
CA SER A 269 0.58 -0.40 -0.82
C SER A 269 -0.67 0.47 -0.58
N GLY A 270 -0.42 1.74 -0.25
CA GLY A 270 -1.47 2.72 0.06
C GLY A 270 -2.39 2.38 1.22
N ASN A 271 -1.91 1.56 2.16
CA ASN A 271 -2.72 1.18 3.32
C ASN A 271 -2.45 2.07 4.48
N GLY A 272 -2.29 3.38 4.22
CA GLY A 272 -2.16 4.36 5.26
C GLY A 272 -2.69 5.75 4.96
N LEU A 273 -3.01 6.45 6.03
CA LEU A 273 -3.61 7.75 5.95
C LEU A 273 -2.73 8.74 5.13
N GLU A 274 -1.44 8.80 5.43
CA GLU A 274 -0.53 9.69 4.73
C GLU A 274 -0.12 9.18 3.36
N SER A 275 0.32 7.92 3.29
CA SER A 275 0.69 7.26 2.02
C SER A 275 -0.39 7.51 0.96
N LEU A 276 -1.62 7.07 1.28
CA LEU A 276 -2.71 7.15 0.35
C LEU A 276 -2.90 8.58 -0.12
N LYS A 277 -2.96 9.57 0.82
CA LYS A 277 -3.20 10.94 0.42
C LYS A 277 -2.05 11.41 -0.47
N THR A 278 -0.81 11.15 -0.03
CA THR A 278 0.42 11.33 -0.84
C THR A 278 0.22 10.79 -2.28
N MET A 279 -0.18 9.51 -2.32
CA MET A 279 -0.43 8.74 -3.58
C MET A 279 -1.46 9.29 -4.53
N ILE A 280 -2.62 9.64 -4.01
CA ILE A 280 -3.63 10.28 -4.79
C ILE A 280 -3.09 11.60 -5.47
N LEU A 281 -2.41 12.46 -4.70
CA LEU A 281 -1.88 13.69 -5.25
C LEU A 281 -0.86 13.42 -6.38
N GLU A 282 -0.06 12.37 -6.17
CA GLU A 282 0.93 11.95 -7.17
C GLU A 282 0.29 11.64 -8.52
N ILE A 283 -0.76 10.84 -8.53
CA ILE A 283 -1.52 10.70 -9.76
C ILE A 283 -2.13 11.98 -10.29
N LYS A 284 -2.76 12.77 -9.45
CA LYS A 284 -3.42 13.99 -10.02
C LYS A 284 -2.41 14.90 -10.72
N ASN A 285 -1.29 15.10 -10.04
CA ASN A 285 -0.20 15.94 -10.50
C ASN A 285 0.37 15.39 -11.81
N ALA A 286 0.31 14.07 -11.91
CA ALA A 286 0.75 13.34 -13.09
C ALA A 286 -0.12 13.59 -14.31
N VAL A 287 -1.46 13.55 -14.17
CA VAL A 287 -2.35 13.49 -15.34
C VAL A 287 -3.12 14.80 -15.61
N LYS A 288 -3.04 15.78 -14.70
CA LYS A 288 -3.75 17.06 -14.93
C LYS A 288 -3.13 17.83 -16.08
FE FE B . 6.72 -8.58 -3.41
C1 LCM C . 9.46 -7.16 -0.47
C2 LCM C . 8.77 -7.75 -1.53
C3 LCM C . 9.30 -8.93 -2.14
C4 LCM C . 10.63 -9.44 -1.74
C5 LCM C . 11.33 -8.76 -0.71
C6 LCM C . 10.72 -7.67 -0.10
C7 LCM C . 11.08 -10.70 -2.37
N8 LCM C . 10.08 -11.35 -3.02
O9 LCM C . 12.12 -11.23 -2.00
C10 LCM C . 9.83 -12.78 -3.01
C11 LCM C . 9.19 -13.02 -1.59
C12 LCM C . 8.32 -14.25 -1.50
C13 LCM C . 6.91 -14.03 -0.94
N14 LCM C . 6.24 -12.76 -1.30
C15 LCM C . 4.94 -12.52 -0.98
C16 LCM C . 4.22 -11.22 -1.28
O17 LCM C . 4.30 -13.39 -0.44
C18 LCM C . 4.92 -10.12 -2.03
C19 LCM C . 4.22 -8.87 -2.27
C20 LCM C . 2.90 -8.74 -1.79
C21 LCM C . 2.25 -9.75 -1.12
C22 LCM C . 2.89 -10.98 -0.88
O23 LCM C . 6.28 -10.16 -2.38
O24 LCM C . 5.00 -8.02 -2.98
O25 LCM C . 8.61 -9.48 -3.14
O26 LCM C . 7.55 -7.36 -1.83
#